data_7RV1
#
_entry.id   7RV1
#
_cell.length_a   30.707
_cell.length_b   72.689
_cell.length_c   55.478
_cell.angle_alpha   90.000
_cell.angle_beta   106.497
_cell.angle_gamma   90.000
#
_symmetry.space_group_name_H-M   'C 1 2 1'
#
loop_
_entity.id
_entity.type
_entity.pdbx_description
1 polymer 'B-cell lymphoma 6 protein'
2 non-polymer (E)-3-(7-(2-((3-chloropyridin-4-yl)amino)-2-oxoethyl)-3-(3-(1-methyl-1H-pyrazol-4-yl)prop-2-yn-1-yl)-4-oxo-4,7-dihydro-3H-pyrrolo[2,3-d]pyrimidin-5-yl)acrylamide
3 non-polymer 'SULFATE ION'
4 non-polymer 'DIMETHYL SULFOXIDE'
5 water water
#
_entity_poly.entity_id   1
_entity_poly.type   'polypeptide(L)'
_entity_poly.pdbx_seq_one_letter_code
;GSADSQIQFTRHASDVLLNLNRLRSRDILTDVVIVVSREQFRAHKTVLMACSGLFYSIFTDQLKRNLSVINLDPEINPEG
FNILLDFMYTSRLNLREGNIMAVMATAMYLQMEHVVDTCRKFIKASE
;
_entity_poly.pdbx_strand_id   A
#
loop_
_chem_comp.id
_chem_comp.type
_chem_comp.name
_chem_comp.formula
7RH non-polymer (E)-3-(7-(2-((3-chloropyridin-4-yl)amino)-2-oxoethyl)-3-(3-(1-methyl-1H-pyrazol-4-yl)prop-2-yn-1-yl)-4-oxo-4,7-dihydro-3H-pyrrolo[2,3-d]pyrimidin-5-yl)acrylamide 'C23 H19 Cl N8 O3'
DMS non-polymer 'DIMETHYL SULFOXIDE' 'C2 H6 O S'
SO4 non-polymer 'SULFATE ION' 'O4 S -2'
#
# COMPACT_ATOMS: atom_id res chain seq x y z
N ASP A 4 33.53 8.61 3.22
CA ASP A 4 34.68 8.78 2.36
C ASP A 4 34.22 8.81 0.92
N SER A 5 34.47 7.72 0.20
CA SER A 5 34.07 7.60 -1.20
C SER A 5 32.68 6.96 -1.26
N GLN A 6 31.67 7.71 -1.69
CA GLN A 6 30.29 7.17 -1.73
C GLN A 6 29.94 6.64 -3.09
N ILE A 7 29.33 5.46 -3.14
CA ILE A 7 28.92 4.81 -4.35
C ILE A 7 27.43 4.53 -4.33
N GLN A 8 26.77 4.99 -5.34
CA GLN A 8 25.31 4.78 -5.48
CA GLN A 8 25.30 4.79 -5.48
C GLN A 8 24.87 3.47 -6.35
N PHE A 9 24.03 2.64 -5.72
CA PHE A 9 23.56 1.43 -6.39
C PHE A 9 22.14 1.70 -6.91
N THR A 10 22.01 1.89 -8.21
CA THR A 10 20.76 2.39 -8.77
C THR A 10 19.61 1.39 -8.74
N ARG A 11 19.90 0.10 -8.70
CA ARG A 11 18.84 -0.91 -8.70
C ARG A 11 18.52 -1.44 -7.31
N HIS A 12 19.23 -0.96 -6.28
CA HIS A 12 19.12 -1.58 -4.97
C HIS A 12 17.71 -1.44 -4.39
N ALA A 13 17.14 -0.23 -4.42
CA ALA A 13 15.85 -0.03 -3.78
C ALA A 13 14.77 -0.89 -4.44
N SER A 14 14.79 -0.99 -5.76
CA SER A 14 13.79 -1.82 -6.43
CA SER A 14 13.82 -1.83 -6.46
C SER A 14 14.02 -3.31 -6.12
N ASP A 15 15.28 -3.73 -5.99
CA ASP A 15 15.58 -5.11 -5.60
C ASP A 15 15.09 -5.39 -4.19
N VAL A 16 15.27 -4.46 -3.26
CA VAL A 16 14.73 -4.63 -1.91
C VAL A 16 13.22 -4.82 -1.97
N LEU A 17 12.54 -3.93 -2.70
CA LEU A 17 11.08 -3.98 -2.73
C LEU A 17 10.58 -5.29 -3.34
N LEU A 18 11.24 -5.75 -4.39
CA LEU A 18 10.93 -7.04 -4.98
C LEU A 18 11.04 -8.15 -3.95
N ASN A 19 12.14 -8.16 -3.21
CA ASN A 19 12.31 -9.20 -2.20
C ASN A 19 11.31 -9.09 -1.06
N LEU A 20 10.92 -7.87 -0.68
CA LEU A 20 9.85 -7.71 0.30
C LEU A 20 8.53 -8.29 -0.22
N ASN A 21 8.25 -8.09 -1.50
CA ASN A 21 7.05 -8.66 -2.09
C ASN A 21 7.12 -10.17 -2.12
N ARG A 22 8.30 -10.73 -2.40
CA ARG A 22 8.49 -12.17 -2.35
C ARG A 22 8.21 -12.71 -0.95
N LEU A 23 8.69 -12.00 0.08
CA LEU A 23 8.36 -12.42 1.44
C LEU A 23 6.86 -12.36 1.69
N ARG A 24 6.18 -11.30 1.23
CA ARG A 24 4.75 -11.20 1.41
C ARG A 24 4.05 -12.38 0.76
N SER A 25 4.49 -12.76 -0.44
CA SER A 25 3.85 -13.86 -1.16
C SER A 25 4.01 -15.21 -0.46
N ARG A 26 4.97 -15.31 0.44
CA ARG A 26 5.19 -16.51 1.25
C ARG A 26 4.71 -16.34 2.69
N ASP A 27 4.10 -15.20 2.98
CA ASP A 27 3.63 -14.87 4.31
C ASP A 27 4.74 -14.90 5.33
N ILE A 28 5.96 -14.55 4.94
CA ILE A 28 7.09 -14.56 5.87
C ILE A 28 7.20 -13.20 6.53
N LEU A 29 7.10 -13.22 7.87
CA LEU A 29 7.23 -12.06 8.73
C LEU A 29 6.15 -11.01 8.52
N THR A 30 5.09 -11.35 7.80
CA THR A 30 3.92 -10.49 7.81
C THR A 30 3.39 -10.43 9.23
N ASP A 31 2.90 -9.25 9.61
CA ASP A 31 2.55 -9.04 11.02
C ASP A 31 1.21 -8.33 11.17
N VAL A 32 0.43 -8.21 10.11
CA VAL A 32 -0.91 -7.66 10.21
C VAL A 32 -1.77 -8.24 9.11
N VAL A 33 -3.05 -8.36 9.42
CA VAL A 33 -4.05 -8.63 8.40
CA VAL A 33 -4.10 -8.66 8.46
C VAL A 33 -4.98 -7.42 8.32
N ILE A 34 -5.19 -7.00 7.09
CA ILE A 34 -6.08 -5.88 6.78
C ILE A 34 -7.38 -6.49 6.27
N VAL A 35 -8.47 -6.22 6.96
CA VAL A 35 -9.78 -6.77 6.66
C VAL A 35 -10.56 -5.71 5.89
N VAL A 36 -11.04 -6.08 4.71
CA VAL A 36 -11.74 -5.17 3.82
C VAL A 36 -13.01 -5.91 3.45
N SER A 37 -14.09 -5.61 4.15
CA SER A 37 -15.36 -6.30 3.95
C SER A 37 -15.18 -7.81 4.06
N ARG A 38 -15.48 -8.60 3.04
CA ARG A 38 -15.41 -10.04 3.21
C ARG A 38 -14.05 -10.65 2.91
N GLU A 39 -13.09 -9.81 2.56
CA GLU A 39 -11.74 -10.24 2.19
C GLU A 39 -10.72 -9.77 3.22
N GLN A 40 -9.57 -10.43 3.20
CA GLN A 40 -8.48 -10.12 4.10
C GLN A 40 -7.19 -10.17 3.31
N PHE A 41 -6.24 -9.33 3.71
CA PHE A 41 -4.94 -9.22 3.07
C PHE A 41 -3.84 -9.10 4.11
N ARG A 42 -2.87 -10.00 4.00
N ARG A 42 -2.87 -10.00 4.00
CA ARG A 42 -1.79 -9.99 4.90
CA ARG A 42 -1.79 -9.98 4.91
C ARG A 42 -0.62 -9.01 4.41
C ARG A 42 -0.62 -9.01 4.41
N ALA A 43 0.13 -8.32 5.30
CA ALA A 43 1.18 -7.41 4.89
C ALA A 43 2.18 -7.22 6.00
N HIS A 44 3.25 -6.48 5.68
CA HIS A 44 4.22 -6.01 6.65
C HIS A 44 3.86 -4.59 7.07
N LYS A 45 3.69 -4.37 8.37
CA LYS A 45 3.35 -3.04 8.86
C LYS A 45 4.35 -1.99 8.38
N THR A 46 5.63 -2.32 8.33
CA THR A 46 6.61 -1.33 7.92
C THR A 46 6.38 -0.84 6.51
N VAL A 47 6.07 -1.75 5.60
CA VAL A 47 5.77 -1.33 4.22
C VAL A 47 4.51 -0.48 4.18
N LEU A 48 3.45 -0.91 4.89
CA LEU A 48 2.24 -0.09 4.93
C LEU A 48 2.53 1.32 5.41
N MET A 49 3.29 1.43 6.52
CA MET A 49 3.61 2.75 7.07
C MET A 49 4.42 3.59 6.08
N ALA A 50 5.32 2.93 5.35
CA ALA A 50 6.15 3.63 4.38
C ALA A 50 5.35 4.18 3.21
N CYS A 51 4.18 3.61 2.92
CA CYS A 51 3.43 3.91 1.72
C CYS A 51 2.11 4.64 1.93
N SER A 52 1.65 4.79 3.16
CA SER A 52 0.30 5.27 3.43
C SER A 52 0.28 6.13 4.68
N GLY A 53 -0.30 7.33 4.56
CA GLY A 53 -0.45 8.16 5.75
C GLY A 53 -1.40 7.57 6.77
N LEU A 54 -2.43 6.85 6.33
CA LEU A 54 -3.34 6.22 7.27
C LEU A 54 -2.59 5.19 8.10
N PHE A 55 -1.89 4.26 7.43
CA PHE A 55 -1.19 3.23 8.17
C PHE A 55 -0.04 3.80 9.00
N TYR A 56 0.64 4.83 8.50
CA TYR A 56 1.64 5.51 9.31
C TYR A 56 1.03 5.99 10.62
N SER A 57 -0.10 6.69 10.50
CA SER A 57 -0.73 7.27 11.69
CA SER A 57 -0.75 7.28 11.68
C SER A 57 -1.23 6.21 12.66
N ILE A 58 -1.72 5.08 12.14
CA ILE A 58 -2.18 4.01 13.01
C ILE A 58 -0.99 3.42 13.77
N PHE A 59 0.02 2.91 13.04
CA PHE A 59 1.04 2.13 13.71
C PHE A 59 2.09 2.97 14.44
N THR A 60 2.20 4.26 14.16
CA THR A 60 3.13 5.07 14.93
C THR A 60 2.51 5.33 16.30
N ASP A 61 1.24 5.22 16.47
CA ASP A 61 0.71 5.45 17.80
C ASP A 61 1.04 4.23 18.65
N GLN A 62 1.66 4.41 19.83
CA GLN A 62 1.97 3.25 20.71
C GLN A 62 0.69 2.50 21.13
N LEU A 63 -0.41 3.19 21.26
CA LEU A 63 -1.65 2.58 21.50
C LEU A 63 -2.04 1.50 20.47
N LYS A 64 -1.68 1.66 19.20
CA LYS A 64 -2.16 0.76 18.14
C LYS A 64 -1.03 -0.03 17.48
N ARG A 65 0.19 0.24 17.85
CA ARG A 65 1.29 -0.33 17.13
C ARG A 65 1.25 -1.85 17.10
N ASN A 66 0.75 -2.49 18.16
CA ASN A 66 0.82 -3.93 18.30
C ASN A 66 -0.45 -4.62 17.82
N LEU A 67 -1.35 -3.88 17.19
CA LEU A 67 -2.52 -4.53 16.63
C LEU A 67 -2.10 -5.48 15.51
N SER A 68 -2.76 -6.64 15.44
CA SER A 68 -2.48 -7.60 14.40
C SER A 68 -3.58 -7.67 13.35
N VAL A 69 -4.70 -7.00 13.56
CA VAL A 69 -5.83 -6.95 12.64
C VAL A 69 -6.27 -5.49 12.57
N ILE A 70 -6.44 -4.97 11.35
CA ILE A 70 -7.02 -3.66 11.13
C ILE A 70 -8.23 -3.87 10.24
N ASN A 71 -9.38 -3.41 10.71
CA ASN A 71 -10.60 -3.41 9.91
C ASN A 71 -10.76 -2.07 9.23
N LEU A 72 -10.72 -2.07 7.90
CA LEU A 72 -10.95 -0.84 7.19
C LEU A 72 -12.44 -0.49 7.17
N ASP A 73 -12.71 0.78 6.86
CA ASP A 73 -14.07 1.26 6.67
C ASP A 73 -14.83 0.31 5.76
N PRO A 74 -16.05 -0.12 6.15
CA PRO A 74 -16.82 -1.07 5.33
C PRO A 74 -17.13 -0.59 3.92
N GLU A 75 -17.04 0.71 3.67
CA GLU A 75 -17.30 1.25 2.34
C GLU A 75 -16.14 1.03 1.38
N ILE A 76 -14.96 0.65 1.86
CA ILE A 76 -13.81 0.54 0.97
C ILE A 76 -13.97 -0.68 0.09
N ASN A 77 -13.67 -0.50 -1.19
CA ASN A 77 -13.77 -1.55 -2.19
C ASN A 77 -12.56 -2.48 -2.08
N PRO A 78 -12.75 -3.80 -1.88
CA PRO A 78 -11.58 -4.69 -1.75
C PRO A 78 -10.71 -4.70 -2.99
N GLU A 79 -11.29 -4.62 -4.19
CA GLU A 79 -10.46 -4.56 -5.39
C GLU A 79 -9.57 -3.34 -5.39
N GLY A 80 -10.13 -2.19 -5.06
CA GLY A 80 -9.33 -0.98 -5.00
C GLY A 80 -8.22 -1.09 -3.98
N PHE A 81 -8.52 -1.66 -2.81
CA PHE A 81 -7.48 -1.87 -1.82
C PHE A 81 -6.39 -2.80 -2.36
N ASN A 82 -6.79 -3.91 -2.99
CA ASN A 82 -5.82 -4.89 -3.50
C ASN A 82 -4.91 -4.25 -4.56
N ILE A 83 -5.48 -3.41 -5.41
CA ILE A 83 -4.69 -2.70 -6.41
C ILE A 83 -3.63 -1.84 -5.73
N LEU A 84 -4.02 -1.15 -4.67
CA LEU A 84 -3.10 -0.25 -3.98
C LEU A 84 -2.06 -1.02 -3.18
N LEU A 85 -2.45 -2.11 -2.55
CA LEU A 85 -1.48 -2.94 -1.83
C LEU A 85 -0.45 -3.48 -2.80
N ASP A 86 -0.87 -3.95 -3.97
CA ASP A 86 0.09 -4.41 -4.97
C ASP A 86 1.00 -3.28 -5.41
N PHE A 87 0.45 -2.08 -5.62
CA PHE A 87 1.29 -0.93 -5.93
C PHE A 87 2.36 -0.70 -4.86
N MET A 88 1.97 -0.77 -3.58
CA MET A 88 2.91 -0.50 -2.52
C MET A 88 4.15 -1.39 -2.65
N TYR A 89 3.93 -2.64 -3.03
CA TYR A 89 4.99 -3.64 -3.09
C TYR A 89 5.64 -3.79 -4.45
N THR A 90 5.22 -3.03 -5.46
CA THR A 90 5.75 -3.19 -6.82
C THR A 90 6.11 -1.91 -7.55
N SER A 91 5.59 -0.76 -7.13
CA SER A 91 5.70 0.50 -7.86
C SER A 91 4.84 0.57 -9.10
N ARG A 92 3.96 -0.38 -9.32
CA ARG A 92 3.15 -0.43 -10.52
C ARG A 92 1.68 -0.32 -10.14
N LEU A 93 0.98 0.60 -10.78
CA LEU A 93 -0.40 0.89 -10.47
C LEU A 93 -1.26 0.49 -11.65
N ASN A 94 -2.17 -0.43 -11.41
CA ASN A 94 -3.05 -0.90 -12.47
C ASN A 94 -4.31 -0.04 -12.44
N LEU A 95 -4.31 1.08 -13.19
CA LEU A 95 -5.46 1.98 -13.31
C LEU A 95 -6.18 1.75 -14.63
N ARG A 96 -7.51 1.68 -14.59
CA ARG A 96 -8.34 1.41 -15.76
C ARG A 96 -9.62 2.21 -15.62
N GLU A 97 -10.26 2.52 -16.75
CA GLU A 97 -11.51 3.26 -16.66
C GLU A 97 -12.48 2.61 -15.68
N GLY A 98 -12.51 1.29 -15.66
CA GLY A 98 -13.42 0.56 -14.80
C GLY A 98 -13.09 0.58 -13.31
N ASN A 99 -11.85 0.93 -12.93
CA ASN A 99 -11.46 0.94 -11.52
C ASN A 99 -11.05 2.31 -11.01
N ILE A 100 -10.94 3.32 -11.87
CA ILE A 100 -10.24 4.54 -11.47
C ILE A 100 -10.93 5.21 -10.29
N MET A 101 -12.25 5.27 -10.30
CA MET A 101 -12.92 6.01 -9.22
C MET A 101 -12.72 5.32 -7.88
N ALA A 102 -12.88 3.99 -7.84
CA ALA A 102 -12.67 3.25 -6.61
C ALA A 102 -11.22 3.33 -6.14
N VAL A 103 -10.26 3.24 -7.08
CA VAL A 103 -8.85 3.37 -6.69
C VAL A 103 -8.58 4.75 -6.13
N MET A 104 -9.08 5.79 -6.79
CA MET A 104 -8.86 7.15 -6.30
CA MET A 104 -8.84 7.14 -6.29
C MET A 104 -9.44 7.34 -4.90
N ALA A 105 -10.68 6.90 -4.69
CA ALA A 105 -11.29 7.06 -3.38
C ALA A 105 -10.55 6.27 -2.33
N THR A 106 -10.07 5.08 -2.68
CA THR A 106 -9.30 4.29 -1.74
C THR A 106 -7.97 4.96 -1.41
N ALA A 107 -7.31 5.54 -2.41
CA ALA A 107 -6.05 6.22 -2.18
C ALA A 107 -6.22 7.45 -1.31
N MET A 108 -7.35 8.15 -1.42
CA MET A 108 -7.62 9.28 -0.53
C MET A 108 -7.74 8.76 0.91
N TYR A 109 -8.50 7.69 1.11
CA TYR A 109 -8.69 7.11 2.43
C TYR A 109 -7.36 6.64 3.01
N LEU A 110 -6.52 5.99 2.19
CA LEU A 110 -5.22 5.52 2.67
C LEU A 110 -4.19 6.64 2.78
N GLN A 111 -4.52 7.84 2.33
CA GLN A 111 -3.66 9.01 2.40
C GLN A 111 -2.37 8.78 1.59
N MET A 112 -2.58 8.64 0.27
CA MET A 112 -1.51 8.32 -0.67
C MET A 112 -1.57 9.43 -1.73
N GLU A 113 -0.94 10.59 -1.45
CA GLU A 113 -1.21 11.78 -2.26
C GLU A 113 -0.70 11.65 -3.70
N HIS A 114 0.44 11.02 -3.90
CA HIS A 114 0.98 10.88 -5.25
C HIS A 114 0.09 9.99 -6.10
N VAL A 115 -0.46 8.93 -5.51
CA VAL A 115 -1.41 8.09 -6.24
C VAL A 115 -2.67 8.89 -6.56
N VAL A 116 -3.18 9.67 -5.59
CA VAL A 116 -4.36 10.48 -5.87
C VAL A 116 -4.09 11.44 -7.02
N ASP A 117 -2.93 12.10 -7.00
CA ASP A 117 -2.58 13.02 -8.08
C ASP A 117 -2.51 12.31 -9.43
N THR A 118 -1.94 11.11 -9.45
CA THR A 118 -1.90 10.34 -10.69
C THR A 118 -3.30 9.96 -11.17
N CYS A 119 -4.19 9.61 -10.25
CA CYS A 119 -5.57 9.37 -10.63
C CYS A 119 -6.21 10.61 -11.24
N ARG A 120 -5.93 11.79 -10.67
CA ARG A 120 -6.44 13.02 -11.26
C ARG A 120 -5.89 13.21 -12.67
N LYS A 121 -4.60 12.94 -12.87
CA LYS A 121 -4.06 13.07 -14.21
C LYS A 121 -4.71 12.09 -15.17
N PHE A 122 -5.01 10.87 -14.69
CA PHE A 122 -5.70 9.88 -15.52
C PHE A 122 -7.07 10.39 -15.94
N ILE A 123 -7.81 10.98 -15.01
CA ILE A 123 -9.10 11.58 -15.35
C ILE A 123 -8.91 12.68 -16.39
N LYS A 124 -7.91 13.55 -16.18
CA LYS A 124 -7.68 14.66 -17.10
C LYS A 124 -7.37 14.17 -18.51
N ALA A 125 -6.71 13.03 -18.63
CA ALA A 125 -6.37 12.43 -19.91
C ALA A 125 -7.47 11.55 -20.47
N SER A 126 -8.60 11.46 -19.79
CA SER A 126 -9.72 10.60 -20.17
C SER A 126 -9.31 9.15 -20.35
O01 7RH B . 1.02 10.92 0.49
C02 7RH B . 1.32 10.57 1.77
C04 7RH B . 0.05 12.51 2.60
C05 7RH B . -1.35 12.38 2.13
C06 7RH B . -2.46 12.36 1.78
C07 7RH B . -3.87 12.37 1.32
C08 7RH B . -4.92 12.71 2.09
C12 7RH B . -4.28 12.02 0.00
C13 7RH B . 1.08 11.00 4.23
C15 7RH B . 2.33 9.21 3.45
C17 7RH B . 2.82 8.40 1.40
C18 7RH B . 2.90 8.32 -0.13
C19 7RH B . 1.99 7.43 -0.89
C20 7RH B . 2.02 7.51 -2.43
C23 7RH B . 3.45 7.58 2.18
C25 7RH B . 3.63 7.46 4.61
C26 7RH B . 4.89 8.16 5.15
C29 7RH B . 7.03 9.14 7.05
C30 7RH B . 8.11 9.51 7.86
C10 7RH B . -7.41 12.82 1.65
C16 7RH B . 2.11 9.47 2.05
C28 7RH B . 6.73 7.83 6.86
C32 7RH B . 8.55 7.31 8.34
C33 7RH B . 7.48 6.92 7.55
N03 7RH B . 0.81 11.32 2.82
N09 7RH B . -6.03 12.59 1.27
N11 7RH B . -5.63 12.18 0.01
N14 7RH B . 1.87 9.92 4.47
N21 7RH B . 2.99 6.77 -3.20
N24 7RH B . 3.15 8.07 3.41
N27 7RH B . 5.61 7.39 6.11
N31 7RH B . 8.87 8.59 8.50
O22 7RH B . 1.20 8.10 -3.00
O35 7RH B . 5.26 9.24 4.83
CL34 7RH B . 7.15 5.21 7.45
H042 7RH B . 0.04 12.98 3.41
H041 7RH B . 0.51 13.02 1.96
H081 7RH B . -4.91 12.95 2.91
H121 7RH B . -3.74 11.75 -0.71
H131 7RH B . 0.75 11.46 4.86
H181 7RH B . 2.73 9.20 -0.44
H191 7RH B . 2.21 6.53 -0.66
H231 7RH B . 3.62 6.75 2.00
H252 7RH B . 3.83 6.55 4.44
H251 7RH B . 2.95 7.50 5.26
H291 7RH B . 6.50 9.79 6.65
H301 7RH B . 8.33 10.41 7.93
H102 7RH B . -7.93 12.08 1.41
H103 7RH B . -7.73 13.58 1.21
H101 7RH B . -7.46 12.96 2.58
H321 7RH B . 9.05 6.66 8.77
H211 7RH B . 2.99 6.81 -4.06
H212 7RH B . 3.60 6.30 -2.78
H271 7RH B . 5.32 6.58 6.25
S SO4 C . 8.34 5.30 19.74
O1 SO4 C . 8.46 5.90 21.07
O2 SO4 C . 7.23 5.78 18.95
O3 SO4 C . 8.27 3.86 19.81
O4 SO4 C . 9.56 5.66 18.98
S SO4 D . 6.10 -15.30 10.88
O1 SO4 D . 5.31 -16.37 11.48
O2 SO4 D . 5.23 -14.10 10.72
O3 SO4 D . 7.08 -15.04 11.93
O4 SO4 D . 6.79 -15.54 9.60
S DMS E . 0.24 3.33 26.01
O DMS E . 1.12 2.75 24.97
C1 DMS E . 0.92 2.81 27.61
C2 DMS E . 0.52 5.12 26.15
H11 DMS E . 1.90 3.18 27.71
H12 DMS E . 0.92 1.75 27.66
H13 DMS E . 0.32 3.20 28.39
H21 DMS E . -0.04 5.61 25.40
H22 DMS E . 1.55 5.32 26.02
H23 DMS E . 0.21 5.45 27.11
#